data_3RH6
#
_entry.id   3RH6
#
_cell.length_a   51.060
_cell.length_b   79.810
_cell.length_c   55.060
_cell.angle_alpha   90.00
_cell.angle_beta   107.68
_cell.angle_gamma   90.00
#
_symmetry.space_group_name_H-M   'P 1 21 1'
#
loop_
_entity.id
_entity.type
_entity.pdbx_description
1 polymer 'DNA polymerase beta'
2 polymer "5'-D(*CP*CP*GP*AP*CP*GP*CP*CP*GP*CP*AP*TP*CP*AP*GP*C)-3'"
3 polymer "(5'-D(*GP*CP*TP*GP*AP*TP*GP*CP*GP*(DDG))-3')"
4 polymer "(5'-D(P*GP*TP*CP*GP*G)-3')"
5 non-polymer "CYTIDINE-5'-TRIPHOSPHATE"
6 non-polymer 'MANGANESE (II) ION'
7 non-polymer 'SODIUM ION'
8 non-polymer 'CHLORIDE ION'
9 water water
#
loop_
_entity_poly.entity_id
_entity_poly.type
_entity_poly.pdbx_seq_one_letter_code
_entity_poly.pdbx_strand_id
1 'polypeptide(L)'
;MSKRKAPQETLNGGITDMLTELANFEKNVSQAIHKYNAYRKAASVIAKYPHKIKSGAEAKKLPGVGTKIAEKIDEFLATG
KLRKLEKIRQDDTSSSINFLTRVSGIGPSAARKFVDEGIKTLEDLRKNEDKLNHHQRIGLKYFGDFEKRIPREEMLQMQD
IVLNEVKKVDSEYIATVCGSFRRGAESSGDMDVLLTHPSFTSESTKQPKLLHQVVEQLQKVHFITDTLSKGETKFMGVCQ
LPSKNDEKEYPHRRIDIRLIPKDQYYCGVLAFTGSDIFNKNMRAHALEKGFTINEYTIRPLGVTGVAGEPLPVDSEKDIF
DYIQWKYREPKDRSE
;
A
2 'polydeoxyribonucleotide' (DC)(DC)(DG)(DA)(DC)(DG)(DC)(DC)(DG)(DC)(DA)(DT)(DC)(DA)(DG)(DC) T
3 'polydeoxyribonucleotide' (DG)(DC)(DT)(DG)(DA)(DT)(DG)(DC)(DG)(DDG) P
4 'polydeoxyribonucleotide' (DG)(DT)(DC)(DG)(DG) D
#
loop_
_chem_comp.id
_chem_comp.type
_chem_comp.name
_chem_comp.formula
CL non-polymer 'CHLORIDE ION' 'Cl -1'
CTP non-polymer CYTIDINE-5'-TRIPHOSPHATE 'C9 H16 N3 O14 P3'
DA DNA linking 2'-DEOXYADENOSINE-5'-MONOPHOSPHATE 'C10 H14 N5 O6 P'
DC DNA linking 2'-DEOXYCYTIDINE-5'-MONOPHOSPHATE 'C9 H14 N3 O7 P'
DDG DNA linking 2',3'-DIDEOXY-GUANOSINE-5'-MONOPHOSPHATE 'C10 H14 N5 O6 P'
DG DNA linking 2'-DEOXYGUANOSINE-5'-MONOPHOSPHATE 'C10 H14 N5 O7 P'
DT DNA linking THYMIDINE-5'-MONOPHOSPHATE 'C10 H15 N2 O8 P'
MN non-polymer 'MANGANESE (II) ION' 'Mn 2'
NA non-polymer 'SODIUM ION' 'Na 1'
#
# COMPACT_ATOMS: atom_id res chain seq x y z
N THR A 10 -10.00 14.57 11.41
CA THR A 10 -9.25 15.41 10.48
C THR A 10 -9.30 16.87 10.89
N LEU A 11 -8.81 17.14 12.10
CA LEU A 11 -8.66 18.48 12.61
C LEU A 11 -7.71 19.28 11.73
N ASN A 12 -6.72 18.58 11.17
CA ASN A 12 -5.66 19.24 10.42
C ASN A 12 -5.65 18.79 8.96
N GLY A 13 -6.82 18.43 8.46
CA GLY A 13 -6.94 17.89 7.12
C GLY A 13 -6.25 18.74 6.08
N GLY A 14 -6.38 20.05 6.21
CA GLY A 14 -5.75 20.97 5.27
C GLY A 14 -4.22 20.82 5.25
N ILE A 15 -3.61 20.82 6.43
CA ILE A 15 -2.17 20.67 6.50
C ILE A 15 -1.71 19.31 5.93
N THR A 16 -2.39 18.24 6.32
CA THR A 16 -1.96 16.91 5.89
C THR A 16 -2.12 16.74 4.39
N ASP A 17 -3.19 17.30 3.84
CA ASP A 17 -3.34 17.32 2.39
C ASP A 17 -2.13 18.01 1.74
N MET A 18 -1.73 19.15 2.27
CA MET A 18 -0.60 19.90 1.69
C MET A 18 0.68 19.08 1.68
N LEU A 19 0.97 18.46 2.81
CA LEU A 19 2.16 17.64 2.93
C LEU A 19 2.08 16.48 1.93
N THR A 20 0.92 15.85 1.83
CA THR A 20 0.72 14.74 0.90
C THR A 20 0.95 15.17 -0.55
N GLU A 21 0.46 16.33 -0.92
CA GLU A 21 0.74 16.84 -2.25
C GLU A 21 2.24 17.08 -2.39
N LEU A 22 2.87 17.64 -1.37
CA LEU A 22 4.31 17.87 -1.42
C LEU A 22 5.05 16.57 -1.60
N ALA A 23 4.70 15.56 -0.81
CA ALA A 23 5.36 14.28 -0.94
C ALA A 23 5.18 13.75 -2.36
N ASN A 24 3.95 13.82 -2.88
CA ASN A 24 3.71 13.34 -4.25
C ASN A 24 4.57 14.05 -5.28
N PHE A 25 4.82 15.33 -5.07
CA PHE A 25 5.70 16.07 -5.98
C PHE A 25 7.11 15.53 -5.90
N GLU A 26 7.59 15.32 -4.68
CA GLU A 26 8.95 14.85 -4.48
C GLU A 26 9.14 13.45 -5.07
N LYS A 27 8.11 12.63 -5.01
CA LYS A 27 8.21 11.31 -5.60
C LYS A 27 8.08 11.34 -7.12
N ASN A 28 7.00 11.92 -7.63
CA ASN A 28 6.68 11.80 -9.06
C ASN A 28 7.54 12.68 -9.98
N VAL A 29 7.85 13.90 -9.53
CA VAL A 29 8.59 14.88 -10.33
C VAL A 29 10.07 14.98 -9.93
N SER A 30 10.33 15.25 -8.66
CA SER A 30 11.69 15.36 -8.14
C SER A 30 12.40 14.01 -8.04
N GLN A 31 11.65 12.92 -8.03
CA GLN A 31 12.25 11.60 -7.89
C GLN A 31 13.16 11.53 -6.66
N ALA A 32 12.68 12.11 -5.55
CA ALA A 32 13.42 12.15 -4.30
C ALA A 32 12.72 11.34 -3.21
N ILE A 33 12.98 10.04 -3.17
CA ILE A 33 12.22 9.12 -2.34
C ILE A 33 12.30 9.41 -0.86
N HIS A 34 13.38 10.04 -0.42
CA HIS A 34 13.54 10.30 1.00
C HIS A 34 12.70 11.52 1.41
N LYS A 35 12.66 12.52 0.54
CA LYS A 35 11.78 13.64 0.73
C LYS A 35 10.32 13.18 0.67
N TYR A 36 10.02 12.27 -0.25
CA TYR A 36 8.67 11.69 -0.33
C TYR A 36 8.30 11.11 1.02
N ASN A 37 9.15 10.23 1.53
CA ASN A 37 8.91 9.63 2.83
C ASN A 37 8.86 10.60 4.03
N ALA A 38 9.72 11.62 4.04
CA ALA A 38 9.69 12.60 5.15
C ALA A 38 8.33 13.30 5.26
N TYR A 39 7.84 13.77 4.11
CA TYR A 39 6.54 14.42 4.08
C TYR A 39 5.45 13.45 4.54
N ARG A 40 5.49 12.23 4.05
CA ARG A 40 4.47 11.27 4.44
C ARG A 40 4.53 11.00 5.94
N LYS A 41 5.74 10.92 6.48
CA LYS A 41 5.90 10.70 7.92
C LYS A 41 5.31 11.86 8.71
N ALA A 42 5.64 13.09 8.31
CA ALA A 42 5.08 14.30 8.93
C ALA A 42 3.54 14.34 8.82
N ALA A 43 3.03 14.03 7.63
CA ALA A 43 1.59 14.00 7.43
C ALA A 43 0.96 12.98 8.37
N SER A 44 1.59 11.82 8.48
CA SER A 44 1.08 10.76 9.35
C SER A 44 1.06 11.18 10.83
N VAL A 45 2.17 11.73 11.32
CA VAL A 45 2.23 12.10 12.73
C VAL A 45 1.21 13.19 13.00
N ILE A 46 1.16 14.18 12.12
CA ILE A 46 0.23 15.29 12.30
C ILE A 46 -1.18 14.75 12.34
N ALA A 47 -1.45 13.77 11.49
CA ALA A 47 -2.79 13.23 11.32
C ALA A 47 -3.36 12.57 12.57
N LYS A 48 -2.52 12.04 13.44
CA LYS A 48 -3.03 11.40 14.64
C LYS A 48 -2.99 12.35 15.85
N TYR A 49 -2.31 13.48 15.69
CA TYR A 49 -2.29 14.54 16.70
C TYR A 49 -3.71 15.06 16.96
N PRO A 50 -4.16 15.00 18.23
CA PRO A 50 -5.55 15.27 18.61
C PRO A 50 -5.86 16.72 18.94
N HIS A 51 -5.11 17.66 18.36
CA HIS A 51 -5.41 19.08 18.51
C HIS A 51 -5.36 19.74 17.15
N LYS A 52 -6.28 20.67 16.91
CA LYS A 52 -6.21 21.49 15.71
C LYS A 52 -4.98 22.37 15.82
N ILE A 53 -3.97 22.06 15.03
CA ILE A 53 -2.72 22.77 15.06
C ILE A 53 -2.89 24.26 14.81
N LYS A 54 -2.41 25.07 15.75
CA LYS A 54 -2.53 26.52 15.64
C LYS A 54 -1.25 27.20 15.15
N SER A 55 -0.12 26.49 15.14
CA SER A 55 1.14 27.09 14.68
C SER A 55 2.19 26.07 14.25
N GLY A 56 3.12 26.52 13.42
CA GLY A 56 4.24 25.70 13.00
C GLY A 56 5.09 25.23 14.17
N ALA A 57 5.27 26.12 15.15
CA ALA A 57 6.05 25.79 16.35
C ALA A 57 5.43 24.58 17.03
N GLU A 58 4.12 24.62 17.19
CA GLU A 58 3.36 23.54 17.80
C GLU A 58 3.51 22.22 17.05
N ALA A 59 3.49 22.29 15.73
CA ALA A 59 3.65 21.08 14.92
C ALA A 59 5.09 20.56 15.03
N LYS A 60 6.04 21.48 15.04
CA LYS A 60 7.45 21.12 15.15
C LYS A 60 7.80 20.36 16.43
N LYS A 61 6.84 20.22 17.35
CA LYS A 61 7.08 19.39 18.52
C LYS A 61 6.90 17.91 18.19
N LEU A 62 6.22 17.62 17.09
CA LEU A 62 6.00 16.24 16.68
C LEU A 62 7.25 15.67 16.03
N PRO A 63 7.58 14.39 16.32
CA PRO A 63 8.74 13.80 15.65
C PRO A 63 8.46 13.63 14.16
N GLY A 64 9.28 14.21 13.31
CA GLY A 64 9.08 14.11 11.88
C GLY A 64 8.85 15.49 11.28
N VAL A 65 8.48 16.42 12.15
CA VAL A 65 8.18 17.75 11.66
C VAL A 65 9.32 18.70 11.97
N GLY A 66 10.06 19.12 10.96
CA GLY A 66 11.20 19.99 11.18
C GLY A 66 10.95 21.45 10.86
N THR A 67 12.05 22.16 10.62
CA THR A 67 11.99 23.59 10.39
C THR A 67 11.24 23.97 9.12
N LYS A 68 11.56 23.33 8.00
CA LYS A 68 10.89 23.63 6.74
C LYS A 68 9.38 23.37 6.80
N ILE A 69 9.00 22.19 7.27
CA ILE A 69 7.58 21.88 7.37
C ILE A 69 6.90 22.85 8.34
N ALA A 70 7.64 23.26 9.37
CA ALA A 70 7.14 24.25 10.32
C ALA A 70 6.84 25.58 9.62
N GLU A 71 7.79 26.05 8.82
CA GLU A 71 7.56 27.26 8.03
C GLU A 71 6.36 27.09 7.09
N LYS A 72 6.29 25.96 6.37
CA LYS A 72 5.21 25.74 5.41
C LYS A 72 3.85 25.74 6.11
N ILE A 73 3.80 25.17 7.31
CA ILE A 73 2.57 25.17 8.06
C ILE A 73 2.14 26.59 8.46
N ASP A 74 3.09 27.42 8.87
CA ASP A 74 2.77 28.80 9.24
C ASP A 74 2.18 29.55 8.04
N GLU A 75 2.78 29.40 6.87
CA GLU A 75 2.22 30.00 5.66
C GLU A 75 0.82 29.48 5.36
N PHE A 76 0.65 28.17 5.44
CA PHE A 76 -0.65 27.60 5.15
C PHE A 76 -1.74 28.14 6.05
N LEU A 77 -1.47 28.19 7.36
CA LEU A 77 -2.48 28.59 8.32
C LEU A 77 -2.84 30.05 8.13
N ALA A 78 -1.87 30.85 7.72
CA ALA A 78 -2.08 32.28 7.54
C ALA A 78 -2.89 32.59 6.29
N THR A 79 -2.47 32.01 5.16
CA THR A 79 -3.06 32.28 3.86
C THR A 79 -4.13 31.26 3.39
N GLY A 80 -3.98 30.01 3.81
CA GLY A 80 -4.85 28.94 3.37
C GLY A 80 -4.26 28.22 2.19
N LYS A 81 -3.10 28.70 1.75
CA LYS A 81 -2.43 28.09 0.60
C LYS A 81 -0.93 27.98 0.85
N LEU A 82 -0.22 27.40 -0.10
CA LEU A 82 1.22 27.36 -0.06
C LEU A 82 1.76 27.72 -1.43
N ARG A 83 2.49 28.82 -1.51
CA ARG A 83 2.98 29.31 -2.80
C ARG A 83 3.72 28.23 -3.58
N LYS A 84 4.58 27.48 -2.89
CA LYS A 84 5.34 26.42 -3.55
C LYS A 84 4.42 25.50 -4.35
N LEU A 85 3.32 25.08 -3.73
CA LEU A 85 2.35 24.24 -4.41
C LEU A 85 1.64 24.98 -5.54
N GLU A 86 1.17 26.19 -5.26
CA GLU A 86 0.47 26.97 -6.27
C GLU A 86 1.30 26.98 -7.54
N LYS A 87 2.61 27.11 -7.40
CA LYS A 87 3.50 27.14 -8.54
C LYS A 87 3.49 25.78 -9.22
N ILE A 88 3.87 24.74 -8.49
CA ILE A 88 3.87 23.38 -9.01
C ILE A 88 2.58 23.07 -9.78
N ARG A 89 1.43 23.39 -9.18
CA ARG A 89 0.15 23.18 -9.84
C ARG A 89 0.08 23.85 -11.23
N GLN A 90 0.88 24.89 -11.42
CA GLN A 90 0.84 25.71 -12.64
C GLN A 90 1.85 25.26 -13.68
N ASP A 91 2.82 24.45 -13.24
CA ASP A 91 3.84 23.93 -14.14
C ASP A 91 3.29 22.74 -14.92
N ASP A 92 3.27 22.87 -16.24
CA ASP A 92 2.69 21.83 -17.08
C ASP A 92 3.43 20.50 -16.94
N THR A 93 4.75 20.55 -17.01
CA THR A 93 5.52 19.33 -16.91
C THR A 93 5.20 18.60 -15.61
N SER A 94 5.21 19.32 -14.50
CA SER A 94 4.91 18.71 -13.22
C SER A 94 3.48 18.19 -13.18
N SER A 95 2.53 19.02 -13.63
CA SER A 95 1.13 18.62 -13.70
C SER A 95 0.95 17.32 -14.50
N SER A 96 1.59 17.27 -15.66
CA SER A 96 1.49 16.09 -16.52
C SER A 96 2.14 14.88 -15.92
N ILE A 97 3.33 15.04 -15.35
CA ILE A 97 4.03 13.91 -14.75
C ILE A 97 3.21 13.38 -13.58
N ASN A 98 2.72 14.29 -12.74
CA ASN A 98 1.87 13.90 -11.63
C ASN A 98 0.65 13.11 -12.12
N PHE A 99 -0.01 13.61 -13.17
CA PHE A 99 -1.18 12.93 -13.69
C PHE A 99 -0.85 11.51 -14.15
N LEU A 100 0.17 11.39 -14.98
CA LEU A 100 0.49 10.12 -15.62
C LEU A 100 0.80 9.06 -14.59
N THR A 101 1.50 9.43 -13.51
CA THR A 101 1.82 8.47 -12.47
C THR A 101 0.58 7.93 -11.74
N ARG A 102 -0.60 8.44 -12.07
CA ARG A 102 -1.79 7.93 -11.43
C ARG A 102 -2.23 6.60 -12.03
N VAL A 103 -1.74 6.31 -13.23
CA VAL A 103 -2.01 5.02 -13.88
C VAL A 103 -1.12 3.92 -13.31
N SER A 104 -1.69 2.79 -12.91
CA SER A 104 -0.89 1.73 -12.31
C SER A 104 0.11 1.22 -13.33
N GLY A 105 1.37 1.05 -12.92
CA GLY A 105 2.41 0.62 -13.84
C GLY A 105 3.19 1.77 -14.46
N ILE A 106 2.62 2.96 -14.42
CA ILE A 106 3.36 4.14 -14.87
C ILE A 106 4.00 4.83 -13.66
N GLY A 107 5.32 4.72 -13.53
CA GLY A 107 6.01 5.40 -12.44
C GLY A 107 6.59 6.73 -12.84
N PRO A 108 7.34 7.38 -11.92
CA PRO A 108 7.98 8.68 -12.20
C PRO A 108 8.88 8.66 -13.46
N SER A 109 9.60 7.57 -13.66
N SER A 109 9.61 7.58 -13.67
CA SER A 109 10.47 7.44 -14.83
CA SER A 109 10.47 7.48 -14.85
C SER A 109 9.65 7.41 -16.12
C SER A 109 9.65 7.42 -16.15
N ALA A 110 8.72 6.47 -16.20
CA ALA A 110 7.87 6.32 -17.37
C ALA A 110 7.03 7.57 -17.61
N ALA A 111 6.57 8.19 -16.53
CA ALA A 111 5.79 9.40 -16.65
C ALA A 111 6.61 10.52 -17.33
N ARG A 112 7.86 10.70 -16.90
CA ARG A 112 8.71 11.73 -17.49
C ARG A 112 9.09 11.39 -18.93
N LYS A 113 9.34 10.12 -19.19
CA LYS A 113 9.49 9.64 -20.56
C LYS A 113 8.29 9.96 -21.43
N PHE A 114 7.09 9.58 -21.00
CA PHE A 114 5.91 9.77 -21.85
C PHE A 114 5.72 11.26 -22.17
N VAL A 115 5.85 12.09 -21.15
CA VAL A 115 5.69 13.54 -21.31
C VAL A 115 6.78 14.14 -22.21
N ASP A 116 7.91 13.43 -22.32
CA ASP A 116 8.95 13.85 -23.26
C ASP A 116 8.54 13.56 -24.70
N GLU A 117 7.73 12.54 -24.90
CA GLU A 117 7.30 12.13 -26.23
C GLU A 117 6.07 12.90 -26.66
N GLY A 118 5.51 13.69 -25.76
CA GLY A 118 4.29 14.42 -26.03
C GLY A 118 3.03 13.66 -25.65
N ILE A 119 3.22 12.56 -24.93
CA ILE A 119 2.10 11.80 -24.36
C ILE A 119 1.91 12.35 -22.96
N LYS A 120 0.81 13.07 -22.72
CA LYS A 120 0.68 13.71 -21.42
C LYS A 120 -0.74 13.85 -20.91
N THR A 121 -1.69 13.17 -21.55
CA THR A 121 -3.07 13.19 -21.08
C THR A 121 -3.70 11.82 -21.21
N LEU A 122 -4.88 11.66 -20.62
CA LEU A 122 -5.56 10.36 -20.62
C LEU A 122 -5.76 9.92 -22.06
N GLU A 123 -6.15 10.90 -22.87
CA GLU A 123 -6.40 10.70 -24.30
C GLU A 123 -5.12 10.30 -25.07
N ASP A 124 -3.98 10.90 -24.74
CA ASP A 124 -2.74 10.52 -25.39
C ASP A 124 -2.43 9.07 -25.08
N LEU A 125 -2.68 8.68 -23.83
CA LEU A 125 -2.41 7.33 -23.40
C LEU A 125 -3.27 6.33 -24.17
N ARG A 126 -4.55 6.64 -24.31
CA ARG A 126 -5.49 5.71 -24.95
C ARG A 126 -5.09 5.48 -26.40
N LYS A 127 -4.54 6.52 -27.01
CA LYS A 127 -4.19 6.51 -28.42
C LYS A 127 -2.80 5.93 -28.65
N ASN A 128 -2.15 5.52 -27.57
CA ASN A 128 -0.81 4.97 -27.64
C ASN A 128 -0.64 3.72 -26.79
N GLU A 129 -1.69 2.90 -26.72
CA GLU A 129 -1.62 1.66 -25.97
C GLU A 129 -0.39 0.84 -26.34
N ASP A 130 0.01 0.92 -27.61
CA ASP A 130 1.12 0.11 -28.11
C ASP A 130 2.46 0.51 -27.51
N LYS A 131 2.48 1.62 -26.77
CA LYS A 131 3.69 2.08 -26.12
C LYS A 131 3.68 1.73 -24.64
N LEU A 132 2.64 1.01 -24.22
CA LEU A 132 2.46 0.65 -22.82
C LEU A 132 2.79 -0.81 -22.58
N ASN A 133 3.39 -1.13 -21.45
CA ASN A 133 3.56 -2.53 -21.12
C ASN A 133 2.25 -3.12 -20.53
N HIS A 134 2.25 -4.40 -20.24
CA HIS A 134 0.98 -5.05 -19.94
C HIS A 134 0.35 -4.41 -18.70
N HIS A 135 1.18 -4.17 -17.69
CA HIS A 135 0.71 -3.60 -16.44
C HIS A 135 0.04 -2.26 -16.71
N GLN A 136 0.76 -1.40 -17.42
CA GLN A 136 0.28 -0.06 -17.75
C GLN A 136 -1.01 -0.10 -18.57
N ARG A 137 -1.12 -1.10 -19.42
CA ARG A 137 -2.28 -1.21 -20.29
C ARG A 137 -3.51 -1.48 -19.45
N ILE A 138 -3.39 -2.37 -18.47
CA ILE A 138 -4.50 -2.71 -17.59
C ILE A 138 -4.82 -1.57 -16.62
N GLY A 139 -3.77 -0.89 -16.14
CA GLY A 139 -3.97 0.28 -15.28
C GLY A 139 -4.79 1.34 -16.01
N LEU A 140 -4.50 1.55 -17.28
CA LEU A 140 -5.22 2.57 -18.03
C LEU A 140 -6.65 2.08 -18.32
N LYS A 141 -6.78 0.81 -18.69
CA LYS A 141 -8.08 0.19 -18.91
C LYS A 141 -9.03 0.50 -17.76
N TYR A 142 -8.55 0.27 -16.54
CA TYR A 142 -9.44 0.44 -15.39
C TYR A 142 -9.11 1.71 -14.61
N PHE A 143 -8.51 2.69 -15.28
CA PHE A 143 -8.12 3.92 -14.60
C PHE A 143 -9.22 4.49 -13.72
N GLY A 144 -10.40 4.71 -14.29
CA GLY A 144 -11.46 5.37 -13.55
C GLY A 144 -11.91 4.49 -12.40
N ASP A 145 -12.07 3.21 -12.70
CA ASP A 145 -12.47 2.23 -11.71
C ASP A 145 -11.55 2.25 -10.49
N PHE A 146 -10.24 2.25 -10.73
CA PHE A 146 -9.28 2.12 -9.65
C PHE A 146 -9.23 3.35 -8.75
N GLU A 147 -9.83 4.44 -9.21
CA GLU A 147 -9.96 5.68 -8.44
C GLU A 147 -10.97 5.52 -7.31
N LYS A 148 -11.90 4.60 -7.48
CA LYS A 148 -13.02 4.47 -6.57
C LYS A 148 -12.61 3.69 -5.33
N ARG A 149 -13.23 3.97 -4.20
CA ARG A 149 -12.94 3.20 -3.00
C ARG A 149 -13.93 2.05 -2.84
N ILE A 150 -13.65 1.15 -1.91
CA ILE A 150 -14.50 -0.02 -1.73
C ILE A 150 -15.19 0.04 -0.38
N PRO A 151 -16.53 0.10 -0.37
CA PRO A 151 -17.18 0.13 0.94
C PRO A 151 -16.88 -1.16 1.68
N ARG A 152 -16.90 -1.12 3.02
CA ARG A 152 -16.60 -2.34 3.76
C ARG A 152 -17.58 -3.47 3.39
N GLU A 153 -18.83 -3.12 3.14
CA GLU A 153 -19.87 -4.11 2.83
C GLU A 153 -19.48 -4.93 1.62
N GLU A 154 -18.95 -4.26 0.60
CA GLU A 154 -18.42 -4.94 -0.59
C GLU A 154 -17.16 -5.77 -0.29
N MET A 155 -16.33 -5.30 0.63
CA MET A 155 -15.14 -6.06 1.05
C MET A 155 -15.55 -7.36 1.73
N LEU A 156 -16.64 -7.32 2.48
CA LEU A 156 -17.15 -8.50 3.15
C LEU A 156 -17.64 -9.49 2.11
N GLN A 157 -18.35 -8.96 1.11
CA GLN A 157 -18.78 -9.75 -0.04
C GLN A 157 -17.60 -10.36 -0.78
N MET A 158 -16.60 -9.55 -1.08
CA MET A 158 -15.42 -10.07 -1.78
C MET A 158 -14.70 -11.13 -0.95
N GLN A 159 -14.67 -10.90 0.36
CA GLN A 159 -14.03 -11.83 1.30
C GLN A 159 -14.66 -13.23 1.22
N ASP A 160 -15.99 -13.28 1.27
CA ASP A 160 -16.68 -14.56 1.27
C ASP A 160 -16.35 -15.35 0.02
N ILE A 161 -16.28 -14.66 -1.10
CA ILE A 161 -16.00 -15.28 -2.39
C ILE A 161 -14.57 -15.85 -2.42
N VAL A 162 -13.59 -15.04 -2.03
CA VAL A 162 -12.22 -15.52 -2.03
C VAL A 162 -12.07 -16.69 -1.05
N LEU A 163 -12.61 -16.54 0.15
CA LEU A 163 -12.41 -17.54 1.19
C LEU A 163 -13.10 -18.86 0.87
N ASN A 164 -14.25 -18.77 0.25
CA ASN A 164 -14.98 -19.97 -0.11
C ASN A 164 -14.44 -20.65 -1.37
N GLU A 165 -13.93 -19.87 -2.32
CA GLU A 165 -13.37 -20.47 -3.52
C GLU A 165 -12.06 -21.16 -3.17
N VAL A 166 -11.36 -20.59 -2.20
CA VAL A 166 -10.07 -21.14 -1.78
C VAL A 166 -10.27 -22.51 -1.15
N LYS A 167 -11.31 -22.65 -0.32
CA LYS A 167 -11.64 -23.96 0.23
C LYS A 167 -12.05 -24.95 -0.86
N LYS A 168 -12.59 -24.45 -1.97
CA LYS A 168 -12.93 -25.33 -3.08
C LYS A 168 -11.71 -25.91 -3.76
N VAL A 169 -10.58 -25.21 -3.66
CA VAL A 169 -9.36 -25.76 -4.27
C VAL A 169 -8.68 -26.75 -3.31
N ASP A 170 -8.56 -26.38 -2.04
CA ASP A 170 -8.04 -27.28 -1.00
C ASP A 170 -8.40 -26.73 0.38
N SER A 171 -9.07 -27.54 1.18
CA SER A 171 -9.61 -27.11 2.46
C SER A 171 -8.51 -26.86 3.49
N GLU A 172 -7.25 -27.09 3.09
CA GLU A 172 -6.12 -26.84 3.96
C GLU A 172 -5.60 -25.42 3.80
N TYR A 173 -6.11 -24.74 2.78
CA TYR A 173 -5.78 -23.34 2.54
C TYR A 173 -6.36 -22.43 3.59
N ILE A 174 -5.60 -21.40 3.97
CA ILE A 174 -6.17 -20.36 4.82
C ILE A 174 -5.87 -19.00 4.21
N ALA A 175 -6.92 -18.26 3.87
CA ALA A 175 -6.79 -16.96 3.26
C ALA A 175 -7.25 -15.92 4.28
N THR A 176 -6.41 -14.92 4.51
CA THR A 176 -6.70 -13.89 5.48
C THR A 176 -6.66 -12.54 4.79
N VAL A 177 -7.76 -11.80 4.82
CA VAL A 177 -7.74 -10.45 4.25
C VAL A 177 -7.02 -9.51 5.21
N CYS A 178 -6.03 -8.79 4.68
CA CYS A 178 -5.23 -7.91 5.49
C CYS A 178 -5.39 -6.47 5.00
N GLY A 179 -4.28 -5.74 4.89
CA GLY A 179 -4.34 -4.35 4.48
C GLY A 179 -5.33 -3.53 5.29
N SER A 180 -5.89 -2.49 4.68
CA SER A 180 -6.80 -1.58 5.38
C SER A 180 -8.01 -2.31 5.97
N PHE A 181 -8.44 -3.37 5.29
CA PHE A 181 -9.62 -4.11 5.74
C PHE A 181 -9.40 -4.70 7.13
N ARG A 182 -8.22 -5.25 7.36
CA ARG A 182 -7.92 -5.82 8.67
C ARG A 182 -7.77 -4.73 9.74
N ARG A 183 -7.42 -3.52 9.30
CA ARG A 183 -7.25 -2.37 10.22
C ARG A 183 -8.58 -1.75 10.59
N GLY A 184 -9.65 -2.35 10.11
CA GLY A 184 -10.99 -1.91 10.48
C GLY A 184 -11.52 -0.73 9.69
N ALA A 185 -10.88 -0.40 8.57
CA ALA A 185 -11.32 0.73 7.75
C ALA A 185 -12.71 0.52 7.17
N GLU A 186 -13.51 1.58 7.17
CA GLU A 186 -14.88 1.50 6.66
C GLU A 186 -14.92 1.49 5.15
N SER A 187 -13.77 1.76 4.53
CA SER A 187 -13.61 1.61 3.08
C SER A 187 -12.14 1.39 2.71
N SER A 188 -11.92 0.59 1.67
CA SER A 188 -10.56 0.25 1.25
C SER A 188 -10.32 0.65 -0.20
N GLY A 189 -9.10 1.05 -0.51
CA GLY A 189 -8.72 1.31 -1.88
C GLY A 189 -8.66 0.03 -2.71
N ASP A 190 -8.45 -1.12 -2.07
CA ASP A 190 -8.35 -2.39 -2.78
C ASP A 190 -8.47 -3.57 -1.81
N MET A 191 -8.23 -4.80 -2.29
CA MET A 191 -8.17 -5.97 -1.41
C MET A 191 -6.81 -6.68 -1.39
N ASP A 192 -6.30 -6.92 -0.20
CA ASP A 192 -5.05 -7.62 0.02
C ASP A 192 -5.31 -8.92 0.75
N VAL A 193 -4.86 -10.03 0.16
CA VAL A 193 -5.15 -11.35 0.68
C VAL A 193 -3.86 -12.06 1.00
N LEU A 194 -3.83 -12.69 2.16
CA LEU A 194 -2.69 -13.45 2.61
C LEU A 194 -3.11 -14.90 2.51
N LEU A 195 -2.27 -15.74 1.92
CA LEU A 195 -2.61 -17.14 1.68
C LEU A 195 -1.58 -18.06 2.33
N THR A 196 -2.02 -19.09 3.02
CA THR A 196 -1.12 -20.14 3.46
C THR A 196 -1.64 -21.51 3.02
N HIS A 197 -0.70 -22.43 2.81
CA HIS A 197 -1.02 -23.82 2.66
C HIS A 197 0.06 -24.64 3.33
N PRO A 198 -0.34 -25.61 4.17
CA PRO A 198 0.60 -26.37 5.00
C PRO A 198 1.74 -26.99 4.19
N SER A 199 1.50 -27.22 2.90
CA SER A 199 2.53 -27.79 2.02
C SER A 199 3.60 -26.78 1.56
N PHE A 200 3.51 -25.55 2.05
CA PHE A 200 4.51 -24.53 1.75
C PHE A 200 4.98 -23.90 3.05
N THR A 201 6.17 -24.28 3.47
CA THR A 201 6.76 -23.76 4.70
C THR A 201 8.18 -23.25 4.45
N SER A 202 8.78 -22.69 5.50
CA SER A 202 10.12 -22.16 5.40
C SER A 202 11.06 -23.28 5.00
N GLU A 203 10.68 -24.51 5.34
CA GLU A 203 11.57 -25.65 5.18
C GLU A 203 11.50 -26.38 3.84
N SER A 204 10.32 -26.40 3.21
CA SER A 204 10.16 -27.09 1.92
C SER A 204 9.02 -26.53 1.08
N THR A 205 9.10 -26.73 -0.23
CA THR A 205 7.95 -26.49 -1.08
C THR A 205 7.41 -27.84 -1.56
N LYS A 206 6.47 -28.39 -0.79
CA LYS A 206 5.97 -29.74 -1.01
C LYS A 206 4.98 -29.82 -2.16
N GLN A 207 4.66 -28.65 -2.74
CA GLN A 207 3.76 -28.56 -3.88
C GLN A 207 4.05 -27.36 -4.77
N PRO A 208 3.85 -27.53 -6.09
CA PRO A 208 4.00 -26.48 -7.09
C PRO A 208 2.66 -25.81 -7.35
N LYS A 209 2.66 -24.69 -8.06
CA LYS A 209 1.43 -24.07 -8.53
C LYS A 209 0.48 -23.68 -7.40
N LEU A 210 0.97 -23.65 -6.17
CA LEU A 210 0.08 -23.42 -5.05
C LEU A 210 -0.76 -22.15 -5.20
N LEU A 211 -0.14 -21.09 -5.74
CA LEU A 211 -0.82 -19.81 -6.00
C LEU A 211 -1.60 -19.86 -7.31
N HIS A 212 -0.98 -20.43 -8.34
CA HIS A 212 -1.66 -20.64 -9.61
C HIS A 212 -3.01 -21.30 -9.38
N GLN A 213 -3.00 -22.47 -8.75
CA GLN A 213 -4.24 -23.19 -8.46
C GLN A 213 -5.32 -22.21 -8.05
N VAL A 214 -4.99 -21.36 -7.08
CA VAL A 214 -5.96 -20.44 -6.51
C VAL A 214 -6.35 -19.32 -7.47
N VAL A 215 -5.38 -18.74 -8.14
CA VAL A 215 -5.68 -17.72 -9.13
C VAL A 215 -6.63 -18.28 -10.18
N GLU A 216 -6.36 -19.49 -10.66
CA GLU A 216 -7.21 -20.11 -11.68
C GLU A 216 -8.67 -20.26 -11.27
N GLN A 217 -8.90 -20.81 -10.09
CA GLN A 217 -10.27 -21.01 -9.58
C GLN A 217 -11.03 -19.69 -9.53
N LEU A 218 -10.38 -18.64 -9.02
CA LEU A 218 -10.99 -17.32 -8.96
C LEU A 218 -11.29 -16.75 -10.35
N GLN A 219 -10.46 -17.10 -11.32
CA GLN A 219 -10.74 -16.71 -12.70
C GLN A 219 -11.90 -17.56 -13.21
N LYS A 220 -11.78 -18.87 -13.03
CA LYS A 220 -12.84 -19.80 -13.38
C LYS A 220 -14.24 -19.24 -13.02
N VAL A 221 -14.36 -18.69 -11.82
CA VAL A 221 -15.65 -18.16 -11.38
C VAL A 221 -15.82 -16.67 -11.75
N HIS A 222 -14.92 -16.21 -12.62
CA HIS A 222 -14.97 -14.85 -13.16
C HIS A 222 -14.89 -13.76 -12.09
N PHE A 223 -14.26 -14.07 -10.97
CA PHE A 223 -14.00 -13.05 -9.95
C PHE A 223 -12.76 -12.23 -10.32
N ILE A 224 -11.61 -12.90 -10.48
CA ILE A 224 -10.45 -12.25 -11.10
C ILE A 224 -10.72 -12.06 -12.57
N THR A 225 -10.43 -10.87 -13.08
CA THR A 225 -10.73 -10.49 -14.46
C THR A 225 -9.49 -10.14 -15.26
N ASP A 226 -8.42 -9.72 -14.60
CA ASP A 226 -7.17 -9.43 -15.27
C ASP A 226 -6.02 -9.64 -14.31
N THR A 227 -4.81 -9.70 -14.86
CA THR A 227 -3.58 -9.90 -14.10
C THR A 227 -2.59 -8.81 -14.45
N LEU A 228 -1.98 -8.22 -13.42
CA LEU A 228 -1.00 -7.17 -13.60
C LEU A 228 0.37 -7.81 -13.59
N SER A 229 0.57 -8.72 -12.63
CA SER A 229 1.79 -9.50 -12.52
C SER A 229 1.53 -10.75 -11.69
N LYS A 230 2.38 -11.75 -11.83
CA LYS A 230 2.15 -13.02 -11.19
C LYS A 230 3.43 -13.84 -11.15
N GLY A 231 3.72 -14.36 -9.96
CA GLY A 231 4.89 -15.18 -9.70
C GLY A 231 4.48 -16.29 -8.74
N GLU A 232 5.45 -17.07 -8.27
CA GLU A 232 5.14 -18.22 -7.43
C GLU A 232 4.54 -17.81 -6.09
N THR A 233 4.80 -16.59 -5.64
CA THR A 233 4.27 -16.18 -4.32
C THR A 233 3.46 -14.90 -4.28
N LYS A 234 3.51 -14.11 -5.35
CA LYS A 234 2.77 -12.85 -5.39
C LYS A 234 1.99 -12.70 -6.68
N PHE A 235 0.69 -12.45 -6.52
CA PHE A 235 -0.15 -12.13 -7.65
C PHE A 235 -0.73 -10.74 -7.47
N MET A 236 -0.63 -9.94 -8.53
CA MET A 236 -1.28 -8.64 -8.57
C MET A 236 -2.22 -8.56 -9.77
N GLY A 237 -3.50 -8.32 -9.51
CA GLY A 237 -4.46 -8.29 -10.59
C GLY A 237 -5.74 -7.52 -10.29
N VAL A 238 -6.78 -7.87 -11.03
CA VAL A 238 -8.04 -7.15 -10.99
C VAL A 238 -9.18 -8.13 -10.73
N CYS A 239 -10.17 -7.68 -9.97
CA CYS A 239 -11.32 -8.52 -9.67
C CYS A 239 -12.60 -7.68 -9.63
N GLN A 240 -13.76 -8.36 -9.51
CA GLN A 240 -15.08 -7.71 -9.55
C GLN A 240 -16.18 -8.62 -8.99
N LEU A 241 -17.04 -8.06 -8.14
CA LEU A 241 -18.19 -8.79 -7.62
C LEU A 241 -19.20 -9.01 -8.73
N PRO A 242 -19.94 -10.11 -8.65
CA PRO A 242 -20.99 -10.41 -9.62
C PRO A 242 -22.12 -9.44 -9.35
N SER A 243 -22.78 -8.95 -10.38
CA SER A 243 -23.87 -8.01 -10.21
C SER A 243 -25.20 -8.69 -10.48
N LYS A 244 -26.27 -8.26 -9.81
CA LYS A 244 -27.57 -8.90 -9.94
C LYS A 244 -28.28 -8.52 -11.25
N ASN A 245 -29.37 -9.23 -11.54
CA ASN A 245 -30.18 -8.98 -12.73
C ASN A 245 -30.54 -7.50 -12.86
N ASP A 246 -30.19 -6.92 -14.00
CA ASP A 246 -30.48 -5.52 -14.30
C ASP A 246 -29.58 -4.53 -13.56
N GLU A 247 -28.94 -5.00 -12.49
CA GLU A 247 -28.06 -4.16 -11.69
C GLU A 247 -26.87 -3.67 -12.51
N LYS A 248 -26.52 -2.41 -12.38
CA LYS A 248 -25.26 -1.93 -12.95
C LYS A 248 -24.11 -2.73 -12.34
N GLU A 249 -23.06 -2.94 -13.10
CA GLU A 249 -21.92 -3.71 -12.61
C GLU A 249 -21.14 -2.95 -11.54
N TYR A 250 -20.51 -3.70 -10.65
CA TYR A 250 -19.63 -3.10 -9.65
C TYR A 250 -18.38 -2.62 -10.34
N PRO A 251 -17.72 -1.61 -9.77
CA PRO A 251 -16.40 -1.22 -10.27
C PRO A 251 -15.46 -2.42 -10.28
N HIS A 252 -14.56 -2.46 -11.26
CA HIS A 252 -13.46 -3.41 -11.20
C HIS A 252 -12.53 -2.93 -10.07
N ARG A 253 -11.91 -3.88 -9.36
CA ARG A 253 -11.11 -3.58 -8.16
C ARG A 253 -9.73 -4.19 -8.26
N ARG A 254 -8.78 -3.57 -7.58
CA ARG A 254 -7.44 -4.12 -7.53
C ARG A 254 -7.39 -5.19 -6.45
N ILE A 255 -6.74 -6.32 -6.74
CA ILE A 255 -6.54 -7.35 -5.74
C ILE A 255 -5.08 -7.84 -5.77
N ASP A 256 -4.50 -8.04 -4.59
CA ASP A 256 -3.17 -8.61 -4.44
C ASP A 256 -3.26 -9.83 -3.55
N ILE A 257 -2.65 -10.91 -3.97
CA ILE A 257 -2.64 -12.12 -3.19
C ILE A 257 -1.19 -12.53 -2.95
N ARG A 258 -0.91 -12.91 -1.71
CA ARG A 258 0.46 -13.16 -1.32
C ARG A 258 0.50 -14.49 -0.57
N LEU A 259 1.18 -15.47 -1.17
CA LEU A 259 1.37 -16.76 -0.54
C LEU A 259 2.68 -16.75 0.26
N ILE A 260 2.56 -16.99 1.57
CA ILE A 260 3.70 -17.01 2.46
C ILE A 260 3.83 -18.34 3.21
N PRO A 261 5.06 -18.66 3.65
CA PRO A 261 5.29 -19.89 4.42
C PRO A 261 4.37 -19.95 5.62
N LYS A 262 3.65 -21.06 5.78
CA LYS A 262 2.64 -21.18 6.82
C LYS A 262 3.24 -21.05 8.21
N ASP A 263 4.49 -21.47 8.38
CA ASP A 263 5.10 -21.34 9.70
C ASP A 263 5.43 -19.88 10.02
N GLN A 264 5.50 -19.04 8.99
CA GLN A 264 5.85 -17.63 9.16
C GLN A 264 4.63 -16.69 8.98
N TYR A 265 3.46 -17.20 9.35
CA TYR A 265 2.22 -16.47 9.27
C TYR A 265 2.23 -15.17 10.07
N TYR A 266 2.79 -15.19 11.28
CA TYR A 266 2.70 -14.01 12.15
C TYR A 266 3.49 -12.83 11.61
N CYS A 267 4.66 -13.10 11.05
CA CYS A 267 5.41 -12.01 10.46
C CYS A 267 4.68 -11.55 9.20
N GLY A 268 4.07 -12.51 8.50
CA GLY A 268 3.38 -12.22 7.26
C GLY A 268 2.18 -11.31 7.47
N VAL A 269 1.28 -11.73 8.35
CA VAL A 269 0.07 -10.96 8.61
C VAL A 269 0.41 -9.60 9.20
N LEU A 270 1.43 -9.54 10.07
CA LEU A 270 1.88 -8.24 10.57
C LEU A 270 2.31 -7.36 9.40
N ALA A 271 3.14 -7.93 8.52
CA ALA A 271 3.66 -7.21 7.34
C ALA A 271 2.63 -6.72 6.31
N PHE A 272 1.64 -7.55 6.00
CA PHE A 272 0.63 -7.18 5.01
CA PHE A 272 0.62 -7.20 5.01
C PHE A 272 -0.54 -6.45 5.64
N THR A 273 -0.52 -6.33 6.97
CA THR A 273 -1.56 -5.58 7.63
C THR A 273 -1.19 -4.09 7.60
N GLY A 274 0.08 -3.79 7.86
CA GLY A 274 0.55 -2.43 7.71
C GLY A 274 0.05 -1.54 8.83
N SER A 275 -0.13 -0.25 8.57
CA SER A 275 0.00 0.36 7.25
C SER A 275 1.43 0.37 6.71
N ASP A 276 1.60 0.85 5.49
CA ASP A 276 2.94 0.97 4.94
C ASP A 276 3.82 1.83 5.84
N ILE A 277 3.30 2.99 6.25
CA ILE A 277 4.05 3.86 7.15
C ILE A 277 4.26 3.21 8.51
N PHE A 278 3.24 2.55 9.03
CA PHE A 278 3.41 1.82 10.30
C PHE A 278 4.59 0.86 10.21
N ASN A 279 4.66 0.13 9.09
CA ASN A 279 5.77 -0.79 8.85
C ASN A 279 7.10 -0.04 8.88
N LYS A 280 7.16 1.09 8.19
CA LYS A 280 8.40 1.84 8.08
C LYS A 280 8.84 2.28 9.46
N ASN A 281 7.90 2.79 10.23
CA ASN A 281 8.17 3.18 11.61
C ASN A 281 8.55 1.99 12.49
N MET A 282 7.83 0.88 12.36
CA MET A 282 8.11 -0.28 13.19
C MET A 282 9.48 -0.93 12.88
N ARG A 283 9.80 -1.07 11.59
CA ARG A 283 11.06 -1.69 11.22
C ARG A 283 12.27 -0.83 11.55
N ALA A 284 12.10 0.48 11.51
CA ALA A 284 13.19 1.39 11.84
C ALA A 284 13.44 1.33 13.34
N HIS A 285 12.38 1.23 14.13
CA HIS A 285 12.53 1.12 15.57
C HIS A 285 13.20 -0.20 15.88
N ALA A 286 12.84 -1.23 15.10
CA ALA A 286 13.49 -2.52 15.22
C ALA A 286 15.00 -2.36 15.00
N LEU A 287 15.37 -1.63 13.96
CA LEU A 287 16.79 -1.37 13.68
C LEU A 287 17.42 -0.63 14.87
N GLU A 288 16.70 0.36 15.41
CA GLU A 288 17.19 1.04 16.61
C GLU A 288 17.36 0.06 17.77
N LYS A 289 16.49 -0.95 17.85
CA LYS A 289 16.56 -1.92 18.95
C LYS A 289 17.45 -3.12 18.63
N GLY A 290 17.96 -3.17 17.40
CA GLY A 290 18.92 -4.19 17.04
C GLY A 290 18.36 -5.45 16.39
N PHE A 291 17.24 -5.29 15.68
CA PHE A 291 16.64 -6.40 14.94
C PHE A 291 16.33 -5.98 13.52
N THR A 292 16.13 -6.96 12.65
CA THR A 292 15.53 -6.68 11.36
C THR A 292 14.25 -7.48 11.19
N ILE A 293 13.19 -6.79 10.78
CA ILE A 293 11.90 -7.44 10.57
C ILE A 293 11.51 -7.39 9.10
N ASN A 294 11.22 -8.56 8.55
CA ASN A 294 10.56 -8.63 7.25
C ASN A 294 9.31 -9.49 7.36
N GLU A 295 8.69 -9.80 6.22
CA GLU A 295 7.42 -10.49 6.22
C GLU A 295 7.56 -11.94 6.58
N TYR A 296 8.80 -12.40 6.70
CA TYR A 296 9.08 -13.80 6.97
C TYR A 296 9.58 -13.98 8.41
N THR A 297 10.43 -13.06 8.85
CA THR A 297 11.17 -13.24 10.09
C THR A 297 11.49 -11.95 10.80
N ILE A 298 11.81 -12.08 12.09
CA ILE A 298 12.51 -11.06 12.86
C ILE A 298 13.85 -11.67 13.26
N ARG A 299 14.94 -10.97 12.99
CA ARG A 299 16.28 -11.50 13.28
C ARG A 299 17.10 -10.44 13.98
N PRO A 300 18.07 -10.87 14.81
CA PRO A 300 18.99 -9.95 15.50
C PRO A 300 20.08 -9.45 14.57
N LEU A 301 20.57 -8.24 14.82
CA LEU A 301 21.74 -7.72 14.12
C LEU A 301 23.03 -8.04 14.88
N GLY A 302 24.02 -8.56 14.15
CA GLY A 302 25.33 -8.82 14.71
C GLY A 302 26.06 -7.50 14.90
N VAL A 303 27.15 -7.52 15.65
CA VAL A 303 27.92 -6.31 15.93
C VAL A 303 28.30 -5.60 14.62
N THR A 304 28.37 -6.38 13.55
CA THR A 304 28.72 -5.88 12.23
C THR A 304 27.53 -5.25 11.51
N GLY A 305 26.33 -5.67 11.86
CA GLY A 305 25.14 -5.25 11.14
C GLY A 305 24.73 -6.32 10.15
N VAL A 306 24.92 -7.57 10.55
CA VAL A 306 24.55 -8.71 9.71
C VAL A 306 23.46 -9.52 10.42
N ALA A 307 22.37 -9.76 9.70
CA ALA A 307 21.24 -10.48 10.28
C ALA A 307 21.67 -11.81 10.87
N GLY A 308 21.25 -12.07 12.09
CA GLY A 308 21.48 -13.36 12.72
C GLY A 308 20.37 -14.33 12.33
N GLU A 309 20.14 -15.34 13.17
CA GLU A 309 19.13 -16.34 12.90
C GLU A 309 17.74 -15.88 13.35
N PRO A 310 16.69 -16.45 12.71
CA PRO A 310 15.30 -16.10 13.02
C PRO A 310 14.92 -16.42 14.46
N LEU A 311 14.33 -15.44 15.13
CA LEU A 311 13.85 -15.64 16.49
C LEU A 311 12.51 -16.35 16.49
N PRO A 312 12.19 -17.07 17.57
CA PRO A 312 10.93 -17.83 17.65
C PRO A 312 9.74 -16.90 17.80
N VAL A 313 8.79 -16.99 16.89
CA VAL A 313 7.60 -16.14 16.93
C VAL A 313 6.34 -16.99 16.96
N ASP A 314 5.45 -16.71 17.92
CA ASP A 314 4.21 -17.45 17.99
C ASP A 314 3.01 -16.54 18.18
N SER A 315 3.10 -15.35 17.62
CA SER A 315 2.02 -14.36 17.69
C SER A 315 2.57 -13.04 17.20
N GLU A 316 1.69 -12.14 16.81
CA GLU A 316 2.09 -10.81 16.39
C GLU A 316 2.69 -10.06 17.56
N LYS A 317 2.14 -10.29 18.75
N LYS A 317 2.14 -10.31 18.75
CA LYS A 317 2.62 -9.61 19.95
CA LYS A 317 2.60 -9.64 19.96
C LYS A 317 4.08 -9.96 20.21
C LYS A 317 4.07 -9.96 20.21
N ASP A 318 4.44 -11.21 20.00
CA ASP A 318 5.82 -11.66 20.19
C ASP A 318 6.77 -10.78 19.40
N ILE A 319 6.36 -10.34 18.21
CA ILE A 319 7.21 -9.48 17.42
C ILE A 319 7.38 -8.11 18.11
N PHE A 320 6.25 -7.52 18.51
CA PHE A 320 6.28 -6.27 19.26
C PHE A 320 7.22 -6.34 20.48
N ASP A 321 7.07 -7.41 21.28
CA ASP A 321 7.93 -7.58 22.45
C ASP A 321 9.41 -7.31 22.16
N TYR A 322 9.96 -8.06 21.20
CA TYR A 322 11.38 -8.00 20.86
C TYR A 322 11.93 -6.57 20.71
N ILE A 323 11.10 -5.67 20.21
CA ILE A 323 11.54 -4.31 19.97
C ILE A 323 11.04 -3.38 21.08
N GLN A 324 10.48 -3.98 22.13
CA GLN A 324 10.02 -3.25 23.32
C GLN A 324 8.99 -2.18 23.04
N TRP A 325 7.98 -2.58 22.26
CA TRP A 325 6.79 -1.79 22.00
C TRP A 325 5.62 -2.54 22.60
N LYS A 326 4.70 -1.83 23.24
CA LYS A 326 3.44 -2.41 23.69
C LYS A 326 2.68 -2.82 22.45
N TYR A 327 1.84 -3.85 22.55
CA TYR A 327 1.07 -4.32 21.41
C TYR A 327 0.07 -3.26 20.93
N ARG A 328 -0.08 -3.14 19.62
CA ARG A 328 -1.05 -2.24 19.03
C ARG A 328 -1.99 -2.99 18.10
N GLU A 329 -3.28 -2.89 18.39
CA GLU A 329 -4.30 -3.55 17.60
C GLU A 329 -4.16 -3.13 16.15
N PRO A 330 -4.67 -3.95 15.22
CA PRO A 330 -4.60 -3.55 13.82
C PRO A 330 -5.23 -2.18 13.59
N LYS A 331 -6.35 -1.92 14.22
CA LYS A 331 -7.03 -0.64 14.06
C LYS A 331 -6.16 0.56 14.46
N ASP A 332 -5.19 0.35 15.32
CA ASP A 332 -4.34 1.47 15.74
C ASP A 332 -3.00 1.53 14.99
N ARG A 333 -2.97 0.92 13.80
CA ARG A 333 -1.74 0.86 13.01
C ARG A 333 -1.91 1.62 11.69
N SER A 334 -3.02 2.34 11.57
CA SER A 334 -3.28 3.10 10.35
C SER A 334 -2.48 4.40 10.37
N GLU A 335 -1.19 4.31 10.13
CA GLU A 335 -0.39 5.51 10.06
C GLU A 335 -0.16 5.88 8.60
P DDG C 10 0.07 -1.09 -5.53
OP1 DDG C 10 -1.22 -1.63 -5.96
OP2 DDG C 10 0.17 0.27 -4.96
O5' DDG C 10 0.74 -2.05 -4.45
C5' DDG C 10 0.55 -3.45 -4.56
C4' DDG C 10 1.20 -4.12 -3.38
O4' DDG C 10 2.62 -3.98 -3.51
C3' DDG C 10 0.92 -3.45 -2.04
C2' DDG C 10 2.05 -4.05 -1.22
C1' DDG C 10 3.18 -4.03 -2.22
N9 DDG C 10 4.09 -2.88 -2.11
C8 DDG C 10 3.98 -1.63 -2.66
N7 DDG C 10 4.99 -0.86 -2.36
C5 DDG C 10 5.81 -1.65 -1.57
C6 DDG C 10 7.04 -1.38 -0.93
O6 DDG C 10 7.71 -0.34 -0.95
N1 DDG C 10 7.51 -2.48 -0.22
C2 DDG C 10 6.89 -3.69 -0.13
N2 DDG C 10 7.51 -4.63 0.61
N3 DDG C 10 5.72 -3.96 -0.71
C4 DDG C 10 5.26 -2.90 -1.41
N1 CTP E . 2.77 -2.34 2.29
C2 CTP E . 4.08 -2.21 2.68
N3 CTP E . 4.85 -1.17 2.21
C4 CTP E . 4.37 -0.39 1.18
C5 CTP E . 3.07 -0.58 0.71
C6 CTP E . 2.31 -1.61 1.23
O2 CTP E . 4.56 -3.01 3.48
N4 CTP E . 5.15 0.56 0.66
C1' CTP E . 1.94 -3.38 2.91
C2' CTP E . 1.18 -2.78 4.07
O2' CTP E . 0.97 -3.83 4.98
C3' CTP E . -0.17 -2.44 3.49
C4' CTP E . -0.35 -3.60 2.53
O4' CTP E . 0.94 -3.82 2.00
O3' CTP E . -1.18 -2.38 4.47
C5' CTP E . -1.35 -3.27 1.43
O5' CTP E . -0.84 -2.22 0.64
PA CTP E . -1.89 -1.07 0.21
O1A CTP E . -3.06 -1.84 -0.31
O2A CTP E . -1.33 -0.11 -0.81
O3A CTP E . -2.22 -0.30 1.57
PB CTP E . -3.61 -0.33 2.39
O1B CTP E . -3.21 0.01 3.83
O2B CTP E . -4.33 -1.65 2.34
O3B CTP E . -4.47 0.90 1.84
PG CTP E . -5.82 0.89 0.95
O1G CTP E . -5.90 -0.38 0.15
O2G CTP E . -5.68 2.06 0.00
O3G CTP E . -7.03 1.17 1.79
N1 CTP F . -3.25 -19.24 10.18
C2 CTP F . -2.61 -19.69 9.05
N3 CTP F . -2.69 -18.99 7.86
C4 CTP F . -3.59 -17.94 7.76
C5 CTP F . -4.37 -17.60 8.85
C6 CTP F . -4.27 -18.34 10.03
O2 CTP F . -1.95 -20.73 9.10
N4 CTP F . -3.69 -17.27 6.61
C1' CTP F . -3.22 -20.09 11.38
C2' CTP F . -2.02 -19.72 12.22
O2' CTP F . -1.21 -20.87 12.32
C3' CTP F . -2.57 -19.34 13.58
C4' CTP F . -4.05 -19.70 13.53
O4' CTP F . -4.38 -19.86 12.16
O3' CTP F . -1.95 -20.07 14.60
C5' CTP F . -4.89 -18.62 14.20
O5' CTP F . -6.21 -18.58 13.69
PA CTP F . -6.86 -17.15 13.33
O1A CTP F . -7.72 -16.66 14.48
O2A CTP F . -7.66 -17.23 12.05
O3A CTP F . -5.55 -16.23 13.09
PB CTP F . -4.79 -15.36 14.21
O1B CTP F . -5.00 -13.88 13.99
O2B CTP F . -3.30 -15.65 14.23
O3B CTP F . -5.46 -15.88 15.59
PG CTP F . -4.54 -16.22 16.87
O1G CTP F . -3.66 -17.43 16.56
O2G CTP F . -5.44 -16.54 18.05
O3G CTP F . -3.65 -15.05 17.20
MN MN G . -5.07 -2.37 0.37
MN MN H . -3.15 -3.60 -2.19
MN MN I . -15.22 -1.48 -15.16
MN MN J . -4.60 1.73 -2.93
NA NA K . 1.50 4.62 -11.18
NA NA L . 10.13 17.83 15.43
CL CL M . 14.25 -13.88 6.23
CL CL N . 15.49 11.81 -1.42
CL CL O . -2.05 25.07 -1.52
MN MN P . 17.35 7.20 11.35
MN MN Q . 18.88 16.68 15.77
#